data_2YJ4
#
_entry.id   2YJ4
#
_cell.length_a   52.120
_cell.length_b   75.150
_cell.length_c   133.920
_cell.angle_alpha   90.00
_cell.angle_beta   90.00
_cell.angle_gamma   90.00
#
_symmetry.space_group_name_H-M   'P 21 21 21'
#
loop_
_entity.id
_entity.type
_entity.pdbx_description
1 polymer 'COPPER-TRANSPORTING ATPASE'
2 non-polymer 'ADENOSINE MONOPHOSPHATE'
3 non-polymer 'PHOSPHATE ION'
4 non-polymer "ADENOSINE-5'-TRIPHOSPHATE"
5 water water
#
_entity_poly.entity_id   1
_entity_poly.type   'polypeptide(L)'
_entity_poly.pdbx_seq_one_letter_code
;MALSLYEKMLHKGMIIKNSNVYEKIKEIDTIIFNKTGTLTYGTPIVTQFIGDSLSLAYAASVEALSSHPIAKAIVKYAKE
QGVKILEVKDFKEISGIGVRGKISDKIIEVKKAENNNDIAVYINGEPIASFNISDVPRPNLKDYLEKLKNEGLKIIILSG
DKEDKVKELSKELNIQEYYSNLSPEDKVRIIEKLKQNGNKVLMIGDGVNDAAALALADVSVAMGNGVDISKNVADIILVS
NDIGTLLGLIKNRKRLSNAIPSN
;
_entity_poly.pdbx_strand_id   A,B
#
# COMPACT_ATOMS: atom_id res chain seq x y z
N LEU A 3 -6.23 10.06 48.62
CA LEU A 3 -5.60 11.17 49.32
C LEU A 3 -5.67 12.44 48.48
N SER A 4 -4.53 13.10 48.34
CA SER A 4 -4.41 14.27 47.46
C SER A 4 -4.67 13.88 46.00
N LEU A 5 -5.21 14.83 45.23
CA LEU A 5 -5.52 14.58 43.83
C LEU A 5 -4.35 13.88 43.09
N TYR A 6 -3.12 14.31 43.36
CA TYR A 6 -1.96 13.67 42.76
C TYR A 6 -1.91 12.19 43.11
N GLU A 7 -2.19 11.88 44.36
CA GLU A 7 -2.14 10.50 44.87
C GLU A 7 -3.28 9.67 44.29
N LYS A 8 -4.46 10.27 44.22
CA LYS A 8 -5.58 9.60 43.59
C LYS A 8 -5.20 9.16 42.17
N MET A 9 -4.71 10.10 41.37
CA MET A 9 -4.30 9.82 40.00
C MET A 9 -3.20 8.77 39.93
N LEU A 10 -2.16 8.94 40.74
CA LEU A 10 -1.07 7.98 40.79
C LEU A 10 -1.61 6.59 41.03
N HIS A 11 -2.63 6.51 41.89
CA HIS A 11 -3.26 5.24 42.17
C HIS A 11 -4.16 4.83 41.02
N LYS A 12 -4.53 5.80 40.19
CA LYS A 12 -5.19 5.46 38.92
C LYS A 12 -4.18 5.11 37.83
N GLY A 13 -2.87 5.22 38.13
CA GLY A 13 -1.83 4.85 37.19
C GLY A 13 -1.32 6.03 36.37
N MET A 14 -1.48 7.22 36.92
CA MET A 14 -1.15 8.45 36.22
C MET A 14 -0.34 9.40 37.07
N ILE A 15 0.84 9.76 36.57
CA ILE A 15 1.62 10.84 37.16
C ILE A 15 1.25 12.19 36.54
N ILE A 16 0.78 13.10 37.39
CA ILE A 16 0.46 14.45 36.94
C ILE A 16 1.62 15.40 37.21
N LYS A 17 2.49 15.56 36.22
CA LYS A 17 3.60 16.50 36.32
C LYS A 17 3.08 17.93 36.39
N ASN A 18 2.13 18.26 35.51
CA ASN A 18 1.43 19.55 35.52
C ASN A 18 0.56 19.65 36.77
N SER A 19 -0.27 20.68 36.84
CA SER A 19 -1.23 20.87 37.94
C SER A 19 -2.46 21.55 37.35
N ASN A 20 -2.24 22.35 36.32
CA ASN A 20 -3.33 23.03 35.60
C ASN A 20 -4.04 22.12 34.60
N VAL A 21 -3.53 20.91 34.44
CA VAL A 21 -4.01 20.04 33.38
C VAL A 21 -5.50 19.72 33.48
N TYR A 22 -6.00 19.52 34.69
CA TYR A 22 -7.42 19.24 34.88
C TYR A 22 -8.30 20.29 34.19
N GLU A 23 -8.06 21.56 34.51
CA GLU A 23 -8.74 22.66 33.85
C GLU A 23 -8.66 22.52 32.33
N LYS A 24 -7.49 22.13 31.83
CA LYS A 24 -7.23 22.09 30.40
C LYS A 24 -8.00 20.98 29.71
N ILE A 25 -8.30 19.92 30.44
CA ILE A 25 -8.90 18.73 29.83
C ILE A 25 -10.36 18.94 29.44
N LYS A 26 -11.09 19.75 30.19
CA LYS A 26 -12.50 19.93 29.90
C LYS A 26 -12.63 20.54 28.53
N GLU A 27 -11.61 21.32 28.15
CA GLU A 27 -11.65 22.06 26.90
C GLU A 27 -11.34 21.22 25.67
N ILE A 28 -10.74 20.06 25.86
CA ILE A 28 -10.22 19.32 24.70
C ILE A 28 -11.32 18.73 23.84
N ASP A 29 -11.15 18.86 22.53
CA ASP A 29 -12.13 18.36 21.58
C ASP A 29 -11.47 17.43 20.56
N THR A 30 -10.14 17.35 20.61
CA THR A 30 -9.40 16.55 19.65
C THR A 30 -8.35 15.70 20.37
N ILE A 31 -8.41 14.40 20.14
CA ILE A 31 -7.48 13.46 20.77
C ILE A 31 -6.60 12.86 19.67
N ILE A 32 -5.30 13.14 19.73
CA ILE A 32 -4.40 12.59 18.71
C ILE A 32 -3.51 11.49 19.26
N PHE A 33 -3.54 10.31 18.63
CA PHE A 33 -2.64 9.25 19.04
C PHE A 33 -1.48 9.14 18.10
N ASN A 34 -0.26 9.24 18.63
CA ASN A 34 0.89 8.71 17.91
C ASN A 34 0.81 7.20 17.93
N LYS A 35 1.07 6.56 16.80
CA LYS A 35 0.91 5.12 16.70
C LYS A 35 1.88 4.34 17.59
N THR A 36 3.16 4.33 17.20
CA THR A 36 4.15 3.40 17.76
C THR A 36 4.32 3.49 19.27
N GLY A 37 4.06 2.39 19.96
CA GLY A 37 4.26 2.36 21.40
C GLY A 37 3.13 3.01 22.17
N THR A 38 2.13 3.53 21.45
CA THR A 38 0.96 4.08 22.09
C THR A 38 -0.23 3.19 21.78
N LEU A 39 -0.66 3.17 20.52
CA LEU A 39 -1.67 2.21 20.09
C LEU A 39 -1.09 0.81 19.89
N THR A 40 0.23 0.71 19.92
CA THR A 40 0.90 -0.59 19.79
C THR A 40 1.91 -0.71 20.90
N TYR A 41 2.36 -1.93 21.17
CA TYR A 41 3.51 -2.12 22.02
C TYR A 41 4.68 -1.62 21.18
N GLY A 42 5.79 -1.31 21.82
CA GLY A 42 6.88 -0.74 21.04
C GLY A 42 7.83 -1.81 20.56
N THR A 43 7.31 -2.98 20.27
CA THR A 43 8.18 -4.11 19.98
C THR A 43 7.93 -4.79 18.64
N PRO A 44 8.87 -4.65 17.71
CA PRO A 44 8.84 -5.19 16.35
C PRO A 44 8.90 -6.71 16.32
N ILE A 45 8.09 -7.32 15.45
CA ILE A 45 8.09 -8.75 15.23
C ILE A 45 8.18 -9.03 13.73
N VAL A 46 8.62 -10.24 13.39
CA VAL A 46 8.53 -10.73 12.03
C VAL A 46 7.09 -11.19 11.76
N THR A 47 6.43 -10.56 10.80
CA THR A 47 5.08 -10.95 10.44
C THR A 47 5.21 -11.91 9.28
N GLN A 48 6.25 -11.72 8.48
CA GLN A 48 6.49 -12.63 7.38
C GLN A 48 7.95 -12.70 6.93
N PHE A 49 8.37 -13.93 6.64
CA PHE A 49 9.65 -14.18 6.02
C PHE A 49 9.40 -14.80 4.67
N ILE A 50 10.04 -14.25 3.64
CA ILE A 50 10.01 -14.86 2.32
C ILE A 50 11.39 -15.30 1.90
N GLY A 51 11.58 -16.60 1.71
CA GLY A 51 12.87 -17.14 1.35
C GLY A 51 12.99 -18.50 2.00
N ASP A 52 14.17 -19.13 1.94
CA ASP A 52 14.30 -20.47 2.51
C ASP A 52 15.07 -20.47 3.82
N SER A 53 15.21 -21.65 4.41
CA SER A 53 15.75 -21.77 5.76
C SER A 53 17.25 -21.47 5.80
N LEU A 54 17.94 -21.72 4.69
CA LEU A 54 19.36 -21.42 4.67
C LEU A 54 19.57 -19.92 4.75
N SER A 55 18.75 -19.17 4.01
CA SER A 55 18.77 -17.70 4.03
C SER A 55 18.36 -17.14 5.39
N LEU A 56 17.36 -17.78 5.99
CA LEU A 56 16.93 -17.38 7.32
C LEU A 56 18.12 -17.51 8.29
N ALA A 57 18.73 -18.69 8.32
CA ALA A 57 19.88 -18.94 9.19
C ALA A 57 20.99 -17.91 8.99
N TYR A 58 21.40 -17.70 7.74
CA TYR A 58 22.36 -16.63 7.40
C TYR A 58 21.98 -15.29 8.01
N ALA A 59 20.77 -14.82 7.69
CA ALA A 59 20.29 -13.55 8.22
C ALA A 59 20.37 -13.44 9.74
N ALA A 60 19.81 -14.43 10.45
CA ALA A 60 19.85 -14.40 11.92
C ALA A 60 21.28 -14.52 12.47
N SER A 61 22.11 -15.37 11.87
CA SER A 61 23.49 -15.43 12.32
C SER A 61 24.12 -14.03 12.30
N VAL A 62 23.97 -13.33 11.18
CA VAL A 62 24.54 -11.98 11.09
C VAL A 62 23.87 -11.03 12.07
N GLU A 63 22.55 -11.09 12.17
CA GLU A 63 21.81 -10.19 13.08
C GLU A 63 22.05 -10.53 14.54
N ALA A 64 22.64 -11.68 14.81
CA ALA A 64 22.82 -12.10 16.21
C ALA A 64 23.83 -11.18 16.89
N LEU A 65 24.64 -10.49 16.08
CA LEU A 65 25.73 -9.66 16.59
C LEU A 65 25.33 -8.19 16.72
N SER A 66 24.06 -7.88 16.51
CA SER A 66 23.58 -6.51 16.65
C SER A 66 22.61 -6.47 17.81
N SER A 67 22.39 -5.27 18.35
CA SER A 67 21.47 -5.11 19.49
C SER A 67 20.22 -4.36 19.08
N HIS A 68 20.17 -3.94 17.82
CA HIS A 68 19.00 -3.25 17.28
C HIS A 68 17.77 -4.14 17.43
N PRO A 69 16.63 -3.52 17.83
CA PRO A 69 15.35 -4.22 18.02
C PRO A 69 14.98 -5.10 16.82
N ILE A 70 15.21 -4.58 15.61
CA ILE A 70 14.95 -5.35 14.41
C ILE A 70 15.83 -6.59 14.32
N ALA A 71 17.14 -6.42 14.49
CA ALA A 71 18.02 -7.58 14.57
C ALA A 71 17.45 -8.61 15.55
N LYS A 72 17.00 -8.14 16.70
CA LYS A 72 16.50 -9.05 17.74
C LYS A 72 15.28 -9.83 17.27
N ALA A 73 14.38 -9.13 16.58
CA ALA A 73 13.13 -9.71 16.12
C ALA A 73 13.37 -10.79 15.09
N ILE A 74 14.38 -10.59 14.25
CA ILE A 74 14.79 -11.59 13.28
C ILE A 74 15.42 -12.79 13.98
N VAL A 75 16.38 -12.54 14.84
CA VAL A 75 16.98 -13.60 15.62
C VAL A 75 15.90 -14.45 16.30
N LYS A 76 14.94 -13.79 16.93
CA LYS A 76 13.88 -14.47 17.67
C LYS A 76 12.99 -15.28 16.74
N TYR A 77 12.59 -14.68 15.63
CA TYR A 77 11.81 -15.42 14.63
C TYR A 77 12.52 -16.68 14.12
N ALA A 78 13.82 -16.60 13.88
CA ALA A 78 14.57 -17.75 13.37
C ALA A 78 14.72 -18.89 14.40
N LYS A 79 15.06 -18.54 15.64
CA LYS A 79 15.11 -19.55 16.69
C LYS A 79 13.78 -20.33 16.75
N GLU A 80 12.65 -19.61 16.64
CA GLU A 80 11.34 -20.24 16.64
C GLU A 80 11.12 -21.18 15.46
N GLN A 81 11.80 -20.91 14.35
CA GLN A 81 11.73 -21.79 13.19
C GLN A 81 12.65 -22.98 13.40
N GLY A 82 13.62 -22.82 14.28
CA GLY A 82 14.42 -23.96 14.69
C GLY A 82 15.80 -24.01 14.06
N VAL A 83 16.20 -22.94 13.38
CA VAL A 83 17.54 -22.90 12.77
C VAL A 83 18.53 -22.40 13.82
N LYS A 84 19.80 -22.73 13.67
CA LYS A 84 20.78 -22.33 14.67
C LYS A 84 21.66 -21.19 14.22
N ILE A 85 22.24 -20.47 15.17
CA ILE A 85 23.14 -19.36 14.89
C ILE A 85 24.49 -19.87 14.35
N LEU A 86 24.93 -19.33 13.21
CA LEU A 86 26.17 -19.78 12.61
C LEU A 86 27.25 -18.78 12.94
N GLU A 87 28.50 -19.21 12.85
CA GLU A 87 29.62 -18.33 13.12
C GLU A 87 29.81 -17.34 11.98
N VAL A 88 29.91 -16.05 12.32
CA VAL A 88 30.07 -14.96 11.36
C VAL A 88 31.43 -14.29 11.49
N LYS A 89 32.04 -13.96 10.36
CA LYS A 89 33.31 -13.23 10.34
C LYS A 89 33.18 -11.82 9.74
N ASP A 90 34.04 -10.89 10.16
CA ASP A 90 34.05 -9.53 9.62
C ASP A 90 32.66 -8.89 9.68
N PHE A 91 32.06 -8.95 10.84
CA PHE A 91 30.75 -8.37 11.04
C PHE A 91 30.85 -6.86 11.07
N LYS A 92 29.83 -6.19 10.54
CA LYS A 92 29.80 -4.75 10.52
C LYS A 92 28.37 -4.24 10.62
N GLU A 93 28.09 -3.44 11.64
CA GLU A 93 26.87 -2.63 11.63
C GLU A 93 27.12 -1.42 10.73
N ILE A 94 26.06 -0.71 10.35
CA ILE A 94 26.18 0.44 9.44
C ILE A 94 25.46 1.67 9.96
N SER A 95 24.59 1.47 10.96
CA SER A 95 23.81 2.55 11.58
C SER A 95 22.60 2.95 10.73
N GLY A 96 22.85 3.28 9.48
CA GLY A 96 21.77 3.69 8.60
C GLY A 96 21.03 2.52 7.97
N ILE A 97 21.79 1.62 7.36
CA ILE A 97 21.23 0.53 6.55
C ILE A 97 20.90 -0.72 7.38
N GLY A 98 21.94 -1.36 7.90
CA GLY A 98 21.79 -2.54 8.72
C GLY A 98 23.13 -3.18 9.01
N VAL A 99 23.27 -4.45 8.66
CA VAL A 99 24.44 -5.20 9.08
C VAL A 99 25.00 -6.04 7.96
N ARG A 100 26.21 -6.52 8.16
CA ARG A 100 26.94 -7.18 7.12
C ARG A 100 27.91 -8.14 7.80
N GLY A 101 28.29 -9.20 7.11
CA GLY A 101 29.13 -10.21 7.71
C GLY A 101 29.37 -11.32 6.73
N LYS A 102 30.34 -12.19 7.03
CA LYS A 102 30.76 -13.22 6.09
C LYS A 102 30.64 -14.60 6.72
N ILE A 103 29.97 -15.51 6.02
CA ILE A 103 29.75 -16.87 6.47
C ILE A 103 30.05 -17.81 5.32
N SER A 104 30.85 -18.84 5.57
CA SER A 104 31.17 -19.84 4.55
C SER A 104 31.61 -19.20 3.22
N ASP A 105 32.45 -18.17 3.30
CA ASP A 105 32.94 -17.51 2.10
C ASP A 105 31.84 -16.79 1.33
N LYS A 106 30.74 -16.49 2.02
CA LYS A 106 29.63 -15.75 1.39
C LYS A 106 29.39 -14.45 2.13
N ILE A 107 29.30 -13.36 1.38
CA ILE A 107 29.00 -12.06 1.99
C ILE A 107 27.50 -11.95 2.17
N ILE A 108 27.09 -11.70 3.41
CA ILE A 108 25.70 -11.65 3.76
C ILE A 108 25.44 -10.24 4.26
N GLU A 109 24.43 -9.59 3.70
CA GLU A 109 24.00 -8.31 4.21
C GLU A 109 22.55 -8.44 4.58
N VAL A 110 22.19 -7.84 5.70
CA VAL A 110 20.79 -7.72 6.05
C VAL A 110 20.52 -6.23 6.23
N LYS A 111 19.74 -5.68 5.32
CA LYS A 111 19.54 -4.24 5.34
C LYS A 111 18.14 -3.87 4.94
N LYS A 112 17.78 -2.64 5.28
CA LYS A 112 16.51 -2.07 4.90
C LYS A 112 16.37 -1.97 3.39
N ALA A 113 15.19 -1.54 2.96
CA ALA A 113 14.92 -1.29 1.55
C ALA A 113 13.82 -0.25 1.46
N GLU A 114 12.58 -0.73 1.34
CA GLU A 114 11.40 0.13 1.26
C GLU A 114 10.48 -0.10 2.47
N ASN A 117 7.52 -5.83 3.17
CA ASN A 117 8.87 -6.37 3.20
C ASN A 117 9.93 -5.28 3.13
N ASP A 118 10.08 -4.55 4.23
CA ASP A 118 11.11 -3.53 4.30
C ASP A 118 12.54 -4.12 4.38
N ILE A 119 12.71 -5.27 5.04
CA ILE A 119 14.06 -5.78 5.29
C ILE A 119 14.52 -6.89 4.34
N ALA A 120 15.62 -6.66 3.66
CA ALA A 120 16.08 -7.59 2.63
C ALA A 120 17.34 -8.34 3.06
N VAL A 121 17.59 -9.48 2.43
CA VAL A 121 18.77 -10.26 2.74
C VAL A 121 19.53 -10.48 1.43
N TYR A 122 20.82 -10.17 1.43
CA TYR A 122 21.61 -10.26 0.21
C TYR A 122 22.73 -11.26 0.39
N ILE A 123 22.81 -12.22 -0.52
CA ILE A 123 23.93 -13.14 -0.52
C ILE A 123 24.79 -12.85 -1.76
N ASN A 124 25.99 -12.33 -1.52
CA ASN A 124 26.89 -11.86 -2.57
C ASN A 124 26.21 -10.81 -3.48
N GLY A 125 25.66 -9.77 -2.87
CA GLY A 125 25.00 -8.71 -3.61
C GLY A 125 23.72 -9.09 -4.35
N GLU A 126 23.15 -10.24 -4.03
CA GLU A 126 21.92 -10.66 -4.69
C GLU A 126 20.81 -10.83 -3.65
N PRO A 127 19.73 -10.04 -3.75
CA PRO A 127 18.68 -10.13 -2.74
C PRO A 127 18.03 -11.51 -2.79
N ILE A 128 18.00 -12.17 -1.64
CA ILE A 128 17.67 -13.58 -1.63
C ILE A 128 16.45 -13.91 -0.74
N ALA A 129 16.16 -13.04 0.21
CA ALA A 129 15.00 -13.25 1.08
C ALA A 129 14.60 -11.90 1.64
N SER A 130 13.44 -11.83 2.26
CA SER A 130 13.08 -10.61 2.98
C SER A 130 12.12 -10.83 4.13
N PHE A 131 12.15 -9.86 5.04
CA PHE A 131 11.29 -9.85 6.19
C PHE A 131 10.32 -8.71 6.12
N ASN A 132 9.08 -9.00 6.46
CA ASN A 132 8.12 -7.95 6.73
C ASN A 132 8.07 -7.83 8.24
N ILE A 133 8.48 -6.69 8.78
CA ILE A 133 8.42 -6.55 10.22
C ILE A 133 7.41 -5.48 10.62
N SER A 134 6.69 -5.72 11.69
CA SER A 134 5.74 -4.74 12.16
C SER A 134 5.51 -4.84 13.68
N ASP A 135 4.51 -4.11 14.14
CA ASP A 135 4.29 -3.94 15.56
C ASP A 135 3.16 -4.82 16.07
N VAL A 136 3.05 -4.92 17.39
CA VAL A 136 1.90 -5.57 18.02
C VAL A 136 0.94 -4.49 18.54
N PRO A 137 -0.32 -4.53 18.08
CA PRO A 137 -1.31 -3.58 18.58
C PRO A 137 -1.76 -3.90 20.01
N ARG A 138 -2.03 -2.88 20.81
CA ARG A 138 -2.61 -3.10 22.14
C ARG A 138 -4.08 -3.51 22.00
N PRO A 139 -4.52 -4.43 22.87
CA PRO A 139 -5.91 -4.92 22.91
C PRO A 139 -6.90 -3.82 23.31
N ASN A 140 -7.90 -3.59 22.47
CA ASN A 140 -8.94 -2.55 22.65
C ASN A 140 -9.47 -1.94 21.34
N LEU A 141 -10.46 -1.04 21.49
CA LEU A 141 -11.17 -0.38 20.39
C LEU A 141 -12.39 0.33 20.98
N LYS A 142 -13.26 -0.46 21.60
CA LYS A 142 -14.42 0.08 22.26
C LYS A 142 -14.01 1.32 23.04
N ASP A 143 -12.93 1.19 23.81
CA ASP A 143 -12.40 2.32 24.56
C ASP A 143 -12.42 3.58 23.71
N TYR A 144 -11.75 3.52 22.56
CA TYR A 144 -11.74 4.62 21.62
C TYR A 144 -13.16 4.98 21.16
N LEU A 145 -13.99 3.98 20.88
CA LEU A 145 -15.32 4.30 20.40
C LEU A 145 -16.08 5.08 21.46
N GLU A 146 -15.85 4.73 22.71
CA GLU A 146 -16.43 5.47 23.82
C GLU A 146 -15.99 6.93 23.79
N LYS A 147 -14.80 7.20 23.22
CA LYS A 147 -14.36 8.58 23.00
C LYS A 147 -15.23 9.23 21.93
N LEU A 148 -15.29 8.59 20.77
CA LEU A 148 -16.07 9.12 19.65
C LEU A 148 -17.44 9.57 20.18
N LYS A 149 -18.15 8.63 20.80
CA LYS A 149 -19.47 8.90 21.33
C LYS A 149 -19.40 9.72 22.60
N ASN A 150 -18.35 9.54 23.39
CA ASN A 150 -18.12 10.47 24.50
C ASN A 150 -17.97 11.85 23.89
N GLU A 151 -18.33 12.87 24.64
CA GLU A 151 -18.32 14.23 24.13
C GLU A 151 -18.64 14.17 22.65
N GLY A 152 -17.91 14.95 21.87
CA GLY A 152 -17.96 14.88 20.43
C GLY A 152 -16.51 14.91 20.01
N LEU A 153 -15.76 13.93 20.52
CA LEU A 153 -14.32 13.95 20.33
C LEU A 153 -13.89 13.42 18.97
N LYS A 154 -13.14 14.26 18.27
CA LYS A 154 -12.45 13.87 17.04
C LYS A 154 -11.17 13.13 17.39
N ILE A 155 -10.92 12.03 16.72
CA ILE A 155 -9.77 11.22 17.03
C ILE A 155 -8.91 11.16 15.80
N ILE A 156 -7.63 11.47 15.97
CA ILE A 156 -6.68 11.44 14.87
C ILE A 156 -5.52 10.53 15.24
N ILE A 157 -5.05 9.74 14.29
CA ILE A 157 -3.82 8.98 14.49
C ILE A 157 -2.70 9.50 13.60
N LEU A 158 -1.52 9.68 14.20
CA LEU A 158 -0.29 10.08 13.51
C LEU A 158 0.83 9.06 13.69
N SER A 159 1.63 8.84 12.67
CA SER A 159 2.89 8.10 12.83
C SER A 159 3.88 8.37 11.68
N GLY A 160 5.15 8.08 11.94
CA GLY A 160 6.17 8.14 10.90
C GLY A 160 6.20 6.82 10.17
N ASP A 161 5.18 5.98 10.42
CA ASP A 161 5.12 4.64 9.86
C ASP A 161 4.45 4.69 8.52
N LYS A 162 4.62 3.63 7.75
CA LYS A 162 4.17 3.63 6.36
C LYS A 162 2.66 3.50 6.22
N GLU A 163 2.13 4.14 5.19
CA GLU A 163 0.70 4.19 4.90
C GLU A 163 -0.02 2.85 4.98
N ASP A 164 0.73 1.76 4.83
CA ASP A 164 0.15 0.41 4.88
C ASP A 164 -0.06 -0.02 6.33
N LYS A 165 0.97 0.19 7.16
CA LYS A 165 0.88 -0.15 8.57
C LYS A 165 -0.17 0.71 9.29
N VAL A 166 -0.25 1.99 8.92
CA VAL A 166 -1.18 2.89 9.58
C VAL A 166 -2.64 2.68 9.13
N LYS A 167 -2.87 2.63 7.82
CA LYS A 167 -4.21 2.39 7.29
C LYS A 167 -4.84 1.14 7.92
N GLU A 168 -4.02 0.10 8.05
CA GLU A 168 -4.49 -1.19 8.55
C GLU A 168 -4.96 -1.06 9.99
N LEU A 169 -4.15 -0.39 10.81
CA LEU A 169 -4.48 -0.17 12.21
C LEU A 169 -5.68 0.77 12.39
N SER A 170 -5.79 1.78 11.53
CA SER A 170 -6.93 2.71 11.62
C SER A 170 -8.21 2.05 11.19
N LYS A 171 -8.13 1.21 10.17
CA LYS A 171 -9.25 0.36 9.79
C LYS A 171 -9.67 -0.47 11.00
N GLU A 172 -8.68 -0.97 11.74
CA GLU A 172 -8.90 -1.88 12.88
C GLU A 172 -9.66 -1.27 14.07
N LEU A 173 -9.29 -0.05 14.46
CA LEU A 173 -9.91 0.59 15.61
C LEU A 173 -11.05 1.49 15.17
N ASN A 174 -11.32 1.46 13.87
CA ASN A 174 -12.33 2.30 13.24
C ASN A 174 -12.11 3.79 13.45
N ILE A 175 -10.94 4.26 13.04
CA ILE A 175 -10.66 5.68 12.99
C ILE A 175 -10.55 6.10 11.53
N GLN A 176 -11.36 7.09 11.13
CA GLN A 176 -11.36 7.50 9.74
C GLN A 176 -10.14 8.35 9.45
N GLU A 177 -9.75 9.19 10.42
CA GLU A 177 -8.74 10.20 10.19
C GLU A 177 -7.35 9.86 10.76
N TYR A 178 -6.41 9.61 9.86
CA TYR A 178 -5.05 9.25 10.22
C TYR A 178 -4.09 9.79 9.18
N TYR A 179 -2.80 9.84 9.53
CA TYR A 179 -1.75 10.35 8.67
C TYR A 179 -0.47 9.53 8.88
N SER A 180 0.11 9.05 7.78
CA SER A 180 1.28 8.17 7.84
C SER A 180 2.52 8.81 7.22
N ASN A 181 3.69 8.20 7.45
CA ASN A 181 4.96 8.69 6.91
C ASN A 181 5.28 10.11 7.35
N LEU A 182 5.06 10.38 8.63
CA LEU A 182 5.18 11.72 9.18
C LEU A 182 6.45 11.85 10.01
N SER A 183 7.17 12.94 9.81
CA SER A 183 8.34 13.25 10.60
C SER A 183 7.87 14.14 11.73
N PRO A 184 8.73 14.34 12.73
CA PRO A 184 8.29 15.19 13.83
C PRO A 184 7.83 16.53 13.28
N GLU A 185 8.63 17.08 12.37
CA GLU A 185 8.33 18.37 11.76
C GLU A 185 6.94 18.40 11.13
N ASP A 186 6.58 17.36 10.40
CA ASP A 186 5.21 17.24 9.92
C ASP A 186 4.23 17.27 11.09
N LYS A 187 4.51 16.50 12.13
CA LYS A 187 3.54 16.39 13.22
C LYS A 187 3.33 17.73 13.89
N VAL A 188 4.43 18.45 14.12
CA VAL A 188 4.39 19.76 14.74
C VAL A 188 3.43 20.62 13.96
N ARG A 189 3.53 20.54 12.63
CA ARG A 189 2.74 21.38 11.74
C ARG A 189 1.26 21.04 11.68
N ILE A 190 0.95 19.75 11.66
CA ILE A 190 -0.43 19.32 11.73
C ILE A 190 -1.13 19.83 13.00
N ILE A 191 -0.47 19.65 14.15
CA ILE A 191 -0.99 20.12 15.42
C ILE A 191 -1.10 21.63 15.43
N GLU A 192 -0.14 22.28 14.77
CA GLU A 192 -0.08 23.73 14.66
C GLU A 192 -1.35 24.25 14.00
N LYS A 193 -1.62 23.71 12.82
CA LYS A 193 -2.85 24.02 12.11
C LYS A 193 -4.07 23.83 13.02
N LEU A 194 -4.17 22.67 13.67
CA LEU A 194 -5.32 22.37 14.53
C LEU A 194 -5.52 23.44 15.61
N LYS A 195 -4.44 23.79 16.28
CA LYS A 195 -4.55 24.78 17.34
C LYS A 195 -4.95 26.14 16.77
N GLN A 196 -4.41 26.49 15.60
CA GLN A 196 -4.73 27.74 14.93
C GLN A 196 -6.21 27.74 14.51
N ASN A 197 -6.71 26.56 14.19
CA ASN A 197 -8.11 26.37 13.83
C ASN A 197 -8.97 26.40 15.09
N GLY A 198 -8.33 26.60 16.24
CA GLY A 198 -9.07 26.70 17.49
C GLY A 198 -9.37 25.39 18.22
N ASN A 199 -8.81 24.29 17.73
CA ASN A 199 -9.03 23.01 18.38
C ASN A 199 -8.16 22.87 19.61
N LYS A 200 -8.69 22.23 20.64
CA LYS A 200 -7.93 21.93 21.84
C LYS A 200 -7.47 20.47 21.80
N VAL A 201 -6.17 20.28 21.70
CA VAL A 201 -5.64 18.97 21.37
C VAL A 201 -4.99 18.27 22.56
N LEU A 202 -5.43 17.04 22.80
CA LEU A 202 -4.76 16.17 23.77
C LEU A 202 -4.06 15.09 22.95
N MET A 203 -2.78 14.88 23.23
CA MET A 203 -2.01 13.91 22.46
C MET A 203 -1.32 12.93 23.35
N ILE A 204 -1.38 11.67 22.94
CA ILE A 204 -0.64 10.64 23.62
C ILE A 204 0.53 10.23 22.71
N GLY A 205 1.72 10.18 23.29
CA GLY A 205 2.92 9.81 22.55
C GLY A 205 3.85 8.91 23.34
N ASP A 206 4.98 8.58 22.73
CA ASP A 206 5.90 7.58 23.25
C ASP A 206 7.12 7.51 22.35
N GLY A 207 8.24 7.99 22.82
CA GLY A 207 9.46 7.80 22.04
C GLY A 207 9.88 8.98 21.20
N VAL A 208 11.02 8.83 20.55
CA VAL A 208 11.71 9.96 19.95
C VAL A 208 10.81 10.83 19.06
N ASN A 209 10.21 10.22 18.03
CA ASN A 209 9.41 10.96 17.05
C ASN A 209 8.13 11.63 17.57
N ASP A 210 7.89 11.55 18.89
CA ASP A 210 6.68 12.14 19.49
C ASP A 210 6.92 13.36 20.36
N ALA A 211 8.14 13.54 20.87
CA ALA A 211 8.40 14.57 21.88
C ALA A 211 7.96 15.98 21.49
N ALA A 212 8.46 16.48 20.36
CA ALA A 212 8.18 17.84 19.94
C ALA A 212 6.68 18.08 19.69
N ALA A 213 6.02 17.16 18.97
CA ALA A 213 4.57 17.18 18.93
C ALA A 213 3.92 17.22 20.34
N LEU A 214 4.40 16.39 21.27
CA LEU A 214 3.74 16.34 22.60
C LEU A 214 3.87 17.68 23.31
N ALA A 215 5.05 18.31 23.15
CA ALA A 215 5.37 19.55 23.83
C ALA A 215 4.43 20.65 23.37
N LEU A 216 3.82 20.45 22.21
CA LEU A 216 3.02 21.48 21.56
C LEU A 216 1.52 21.24 21.77
N ALA A 217 1.16 20.05 22.23
CA ALA A 217 -0.24 19.75 22.52
C ALA A 217 -0.75 20.59 23.69
N ASP A 218 -2.06 20.81 23.71
CA ASP A 218 -2.70 21.55 24.78
C ASP A 218 -2.63 20.75 26.08
N VAL A 219 -2.81 19.45 25.96
CA VAL A 219 -2.42 18.58 27.05
C VAL A 219 -1.73 17.35 26.47
N SER A 220 -0.63 16.96 27.11
CA SER A 220 0.19 15.92 26.56
C SER A 220 0.32 14.74 27.53
N VAL A 221 0.16 13.55 27.00
CA VAL A 221 0.38 12.33 27.75
C VAL A 221 1.51 11.50 27.14
N ALA A 222 2.47 11.12 27.96
CA ALA A 222 3.51 10.18 27.55
C ALA A 222 3.19 8.79 28.11
N MET A 223 3.57 7.74 27.38
CA MET A 223 3.42 6.38 27.87
C MET A 223 4.45 6.06 28.95
N GLY A 224 4.14 5.07 29.78
CA GLY A 224 5.09 4.60 30.77
C GLY A 224 6.38 4.09 30.17
N ASN A 225 6.26 3.21 29.17
CA ASN A 225 7.46 2.66 28.54
C ASN A 225 8.10 3.67 27.60
N GLY A 226 7.69 4.94 27.71
CA GLY A 226 8.17 6.01 26.86
C GLY A 226 9.55 6.54 27.19
N VAL A 227 10.19 7.13 26.19
CA VAL A 227 11.54 7.68 26.32
C VAL A 227 11.57 8.97 27.13
N ASP A 228 12.76 9.30 27.63
CA ASP A 228 12.90 10.43 28.56
C ASP A 228 12.56 11.80 27.97
N ILE A 229 13.05 12.10 26.77
CA ILE A 229 12.70 13.35 26.09
C ILE A 229 11.18 13.54 26.02
N SER A 230 10.44 12.45 25.80
CA SER A 230 8.98 12.50 25.76
C SER A 230 8.38 12.83 27.14
N LYS A 231 8.85 12.12 28.16
CA LYS A 231 8.31 12.27 29.51
C LYS A 231 8.62 13.63 30.15
N ASN A 232 9.81 14.17 29.93
CA ASN A 232 10.16 15.45 30.56
C ASN A 232 9.42 16.62 29.92
N VAL A 233 8.53 16.32 28.98
CA VAL A 233 7.79 17.36 28.27
C VAL A 233 6.28 17.14 28.37
N ALA A 234 5.90 15.94 28.84
CA ALA A 234 4.50 15.53 29.00
C ALA A 234 3.85 16.08 30.25
N ASP A 235 2.57 16.44 30.14
CA ASP A 235 1.79 16.89 31.30
C ASP A 235 1.51 15.70 32.21
N ILE A 236 1.26 14.54 31.58
CA ILE A 236 0.84 13.34 32.28
C ILE A 236 1.65 12.14 31.83
N ILE A 237 2.03 11.28 32.76
CA ILE A 237 2.62 10.00 32.40
C ILE A 237 1.66 8.88 32.72
N LEU A 238 1.27 8.12 31.69
CA LEU A 238 0.57 6.87 31.89
C LEU A 238 1.56 5.80 32.29
N VAL A 239 2.00 5.81 33.56
CA VAL A 239 2.93 4.79 34.03
C VAL A 239 2.31 3.42 33.90
N SER A 240 0.98 3.37 33.91
CA SER A 240 0.24 2.14 33.75
C SER A 240 0.24 1.62 32.31
N ASN A 241 0.65 2.47 31.37
CA ASN A 241 0.59 2.14 29.95
C ASN A 241 -0.79 1.66 29.58
N ASP A 242 -1.78 2.04 30.38
CA ASP A 242 -3.16 1.63 30.16
C ASP A 242 -3.98 2.79 29.60
N ILE A 243 -4.15 2.80 28.29
CA ILE A 243 -4.94 3.84 27.62
C ILE A 243 -6.34 3.97 28.22
N GLY A 244 -7.06 2.86 28.25
CA GLY A 244 -8.39 2.83 28.85
C GLY A 244 -8.46 3.71 30.08
N THR A 245 -7.50 3.55 30.97
CA THR A 245 -7.40 4.35 32.19
C THR A 245 -7.46 5.84 31.84
N LEU A 246 -6.67 6.24 30.85
CA LEU A 246 -6.68 7.63 30.43
C LEU A 246 -8.02 8.02 29.83
N LEU A 247 -8.55 7.16 28.96
CA LEU A 247 -9.88 7.37 28.38
C LEU A 247 -10.88 7.81 29.45
N GLY A 248 -11.19 6.93 30.40
CA GLY A 248 -12.12 7.26 31.46
C GLY A 248 -11.98 8.72 31.90
N LEU A 249 -10.76 9.12 32.22
CA LEU A 249 -10.48 10.50 32.61
C LEU A 249 -11.01 11.54 31.62
N ILE A 250 -10.92 11.22 30.34
CA ILE A 250 -11.46 12.10 29.31
C ILE A 250 -12.98 12.14 29.37
N LYS A 251 -13.58 11.04 29.84
CA LYS A 251 -15.00 11.02 30.20
C LYS A 251 -15.23 11.88 31.44
N ASN A 252 -14.39 12.91 31.60
CA ASN A 252 -14.51 13.90 32.66
C ASN A 252 -15.26 13.45 33.90
N ALA B 2 -19.00 11.57 -50.44
CA ALA B 2 -17.73 11.94 -49.79
C ALA B 2 -17.19 10.84 -48.83
N LEU B 3 -16.27 11.24 -47.96
CA LEU B 3 -15.65 10.36 -47.00
C LEU B 3 -16.51 10.18 -45.73
N SER B 4 -16.86 8.94 -45.40
CA SER B 4 -17.67 8.70 -44.20
C SER B 4 -16.91 9.07 -42.92
N LEU B 5 -17.64 9.35 -41.85
CA LEU B 5 -17.01 9.64 -40.58
C LEU B 5 -16.21 8.41 -40.12
N TYR B 6 -16.78 7.25 -40.40
CA TYR B 6 -16.10 5.99 -40.14
C TYR B 6 -14.70 6.01 -40.76
N GLU B 7 -14.62 6.33 -42.05
CA GLU B 7 -13.31 6.43 -42.73
C GLU B 7 -12.40 7.46 -42.10
N LYS B 8 -12.94 8.61 -41.74
CA LYS B 8 -12.15 9.65 -41.12
C LYS B 8 -11.58 9.14 -39.79
N MET B 9 -12.42 8.50 -38.98
CA MET B 9 -11.97 8.03 -37.69
C MET B 9 -10.87 6.99 -37.84
N LEU B 10 -11.06 6.05 -38.78
CA LEU B 10 -10.02 5.07 -39.07
C LEU B 10 -8.70 5.76 -39.37
N HIS B 11 -8.75 6.83 -40.16
CA HIS B 11 -7.53 7.52 -40.52
C HIS B 11 -6.83 8.01 -39.27
N LYS B 12 -7.61 8.27 -38.23
CA LYS B 12 -7.07 8.79 -36.99
C LYS B 12 -6.73 7.69 -35.98
N GLY B 13 -6.81 6.44 -36.41
CA GLY B 13 -6.48 5.32 -35.53
C GLY B 13 -7.65 4.84 -34.69
N MET B 14 -8.85 5.22 -35.06
CA MET B 14 -10.01 4.80 -34.30
C MET B 14 -10.97 3.98 -35.11
N ILE B 15 -11.31 2.80 -34.59
CA ILE B 15 -12.34 1.99 -35.20
C ILE B 15 -13.61 2.20 -34.43
N ILE B 16 -14.53 2.96 -35.03
CA ILE B 16 -15.84 3.15 -34.44
C ILE B 16 -16.79 2.16 -35.10
N LYS B 17 -17.10 1.11 -34.35
CA LYS B 17 -17.81 -0.04 -34.90
C LYS B 17 -19.28 0.20 -35.28
N ASN B 18 -19.96 1.12 -34.59
CA ASN B 18 -21.34 1.44 -34.94
C ASN B 18 -21.68 2.92 -34.94
N SER B 19 -22.49 3.34 -35.91
CA SER B 19 -22.84 4.76 -36.10
C SER B 19 -23.48 5.42 -34.89
N ASN B 20 -24.10 4.65 -34.00
CA ASN B 20 -24.81 5.31 -32.90
C ASN B 20 -23.93 5.77 -31.74
N VAL B 21 -22.68 5.33 -31.70
CA VAL B 21 -21.78 5.89 -30.70
C VAL B 21 -21.67 7.40 -30.91
N TYR B 22 -21.75 7.86 -32.15
CA TYR B 22 -21.58 9.29 -32.41
C TYR B 22 -22.62 10.11 -31.65
N GLU B 23 -23.83 9.58 -31.55
CA GLU B 23 -24.89 10.21 -30.77
C GLU B 23 -24.63 10.00 -29.28
N LYS B 24 -24.33 8.76 -28.90
CA LYS B 24 -24.06 8.42 -27.51
C LYS B 24 -22.96 9.29 -26.90
N ILE B 25 -21.97 9.66 -27.69
CA ILE B 25 -20.80 10.39 -27.16
C ILE B 25 -21.12 11.81 -26.69
N LYS B 26 -21.99 12.51 -27.41
CA LYS B 26 -22.32 13.87 -27.00
C LYS B 26 -22.87 13.89 -25.57
N GLU B 27 -23.46 12.77 -25.15
CA GLU B 27 -24.20 12.74 -23.90
C GLU B 27 -23.35 12.47 -22.65
N ILE B 28 -22.16 11.87 -22.81
CA ILE B 28 -21.48 11.38 -21.61
C ILE B 28 -21.01 12.52 -20.70
N ASP B 29 -20.96 12.24 -19.41
CA ASP B 29 -20.59 13.23 -18.42
C ASP B 29 -19.56 12.65 -17.47
N THR B 30 -19.31 11.34 -17.61
CA THR B 30 -18.31 10.64 -16.79
C THR B 30 -17.38 9.78 -17.64
N ILE B 31 -16.08 10.03 -17.50
CA ILE B 31 -15.07 9.21 -18.15
C ILE B 31 -14.30 8.36 -17.15
N ILE B 32 -14.31 7.06 -17.35
CA ILE B 32 -13.62 6.13 -16.46
C ILE B 32 -12.45 5.42 -17.15
N PHE B 33 -11.28 5.54 -16.55
CA PHE B 33 -10.10 4.81 -17.00
C PHE B 33 -9.81 3.60 -16.14
N ASN B 34 -9.75 2.42 -16.76
CA ASN B 34 -9.05 1.29 -16.16
C ASN B 34 -7.55 1.61 -16.24
N LYS B 35 -6.77 1.38 -15.20
CA LYS B 35 -5.38 1.86 -15.20
C LYS B 35 -4.43 1.15 -16.17
N THR B 36 -4.15 -0.11 -15.88
CA THR B 36 -3.09 -0.81 -16.59
C THR B 36 -3.36 -0.98 -18.11
N GLY B 37 -2.44 -0.48 -18.92
CA GLY B 37 -2.58 -0.62 -20.36
C GLY B 37 -3.33 0.54 -21.02
N THR B 38 -4.02 1.34 -20.22
CA THR B 38 -4.64 2.54 -20.77
C THR B 38 -3.97 3.80 -20.27
N LEU B 39 -3.97 4.03 -18.96
CA LEU B 39 -3.22 5.17 -18.44
C LEU B 39 -1.71 4.90 -18.38
N THR B 40 -1.34 3.63 -18.51
CA THR B 40 0.04 3.21 -18.55
C THR B 40 0.19 2.42 -19.84
N TYR B 41 1.41 2.00 -20.14
CA TYR B 41 1.67 1.23 -21.37
C TYR B 41 1.26 -0.23 -21.26
N GLY B 42 1.06 -0.70 -20.04
CA GLY B 42 0.73 -2.11 -19.85
C GLY B 42 1.87 -3.03 -20.23
N THR B 43 3.08 -2.50 -20.24
CA THR B 43 4.28 -3.33 -20.37
C THR B 43 5.18 -3.03 -19.20
N PRO B 44 4.77 -3.47 -18.02
CA PRO B 44 5.59 -3.15 -16.84
C PRO B 44 6.96 -3.85 -16.92
N ILE B 45 7.86 -3.47 -16.02
CA ILE B 45 9.13 -4.14 -15.95
C ILE B 45 9.35 -4.63 -14.53
N VAL B 46 10.16 -5.69 -14.40
CA VAL B 46 10.55 -6.12 -13.08
C VAL B 46 11.61 -5.14 -12.60
N THR B 47 11.36 -4.52 -11.47
CA THR B 47 12.28 -3.56 -10.89
C THR B 47 12.99 -4.20 -9.71
N GLN B 48 12.59 -5.41 -9.35
CA GLN B 48 13.24 -6.11 -8.25
C GLN B 48 12.75 -7.53 -8.14
N PHE B 49 13.66 -8.48 -8.23
CA PHE B 49 13.27 -9.83 -7.90
C PHE B 49 14.03 -10.22 -6.65
N ILE B 50 13.31 -10.84 -5.72
CA ILE B 50 13.90 -11.32 -4.48
C ILE B 50 13.68 -12.83 -4.38
N GLY B 51 14.77 -13.58 -4.48
CA GLY B 51 14.68 -15.04 -4.47
C GLY B 51 15.90 -15.62 -5.15
N ASP B 52 15.92 -16.92 -5.39
CA ASP B 52 17.05 -17.50 -6.12
C ASP B 52 16.62 -18.01 -7.49
N SER B 53 17.59 -18.51 -8.25
CA SER B 53 17.33 -18.83 -9.65
C SER B 53 16.23 -19.89 -9.82
N LEU B 54 16.17 -20.84 -8.90
CA LEU B 54 15.16 -21.89 -8.97
C LEU B 54 13.76 -21.32 -8.87
N SER B 55 13.53 -20.46 -7.89
CA SER B 55 12.23 -19.84 -7.72
C SER B 55 11.84 -18.99 -8.92
N LEU B 56 12.81 -18.25 -9.45
CA LEU B 56 12.56 -17.42 -10.63
C LEU B 56 12.12 -18.33 -11.77
N ALA B 57 12.89 -19.40 -12.01
CA ALA B 57 12.56 -20.36 -13.06
C ALA B 57 11.15 -20.88 -12.92
N TYR B 58 10.81 -21.33 -11.71
CA TYR B 58 9.48 -21.82 -11.40
C TYR B 58 8.41 -20.82 -11.74
N ALA B 59 8.53 -19.61 -11.20
CA ALA B 59 7.53 -18.57 -11.44
C ALA B 59 7.36 -18.26 -12.94
N ALA B 60 8.48 -18.24 -13.66
CA ALA B 60 8.46 -17.90 -15.09
C ALA B 60 7.74 -18.97 -15.88
N SER B 61 8.12 -20.23 -15.64
CA SER B 61 7.52 -21.37 -16.30
C SER B 61 6.00 -21.36 -16.16
N VAL B 62 5.49 -20.90 -15.02
CA VAL B 62 4.06 -20.83 -14.87
C VAL B 62 3.46 -19.61 -15.56
N GLU B 63 4.12 -18.46 -15.38
CA GLU B 63 3.66 -17.23 -16.01
C GLU B 63 3.74 -17.31 -17.54
N ALA B 64 4.67 -18.15 -18.02
CA ALA B 64 4.86 -18.42 -19.44
C ALA B 64 3.61 -18.94 -20.15
N LEU B 65 2.54 -19.18 -19.40
CA LEU B 65 1.32 -19.74 -19.96
C LEU B 65 0.21 -18.73 -19.87
N SER B 66 0.53 -17.57 -19.32
CA SER B 66 -0.46 -16.52 -19.17
C SER B 66 -0.13 -15.41 -20.13
N SER B 67 -1.16 -14.69 -20.53
CA SER B 67 -1.02 -13.59 -21.47
C SER B 67 -1.04 -12.26 -20.73
N HIS B 68 -1.16 -12.33 -19.40
CA HIS B 68 -1.25 -11.10 -18.63
C HIS B 68 0.00 -10.27 -18.81
N PRO B 69 -0.15 -8.94 -18.77
CA PRO B 69 0.99 -8.00 -18.83
C PRO B 69 2.05 -8.38 -17.82
N ILE B 70 1.65 -8.51 -16.56
CA ILE B 70 2.56 -8.90 -15.49
C ILE B 70 3.22 -10.24 -15.79
N ALA B 71 2.45 -11.17 -16.34
CA ALA B 71 3.00 -12.46 -16.75
C ALA B 71 4.10 -12.26 -17.81
N LYS B 72 3.85 -11.40 -18.78
CA LYS B 72 4.82 -11.26 -19.86
C LYS B 72 6.12 -10.69 -19.30
N ALA B 73 5.98 -9.68 -18.46
CA ALA B 73 7.09 -8.98 -17.83
C ALA B 73 7.97 -9.92 -16.97
N ILE B 74 7.34 -10.86 -16.26
CA ILE B 74 8.08 -11.81 -15.43
C ILE B 74 8.91 -12.77 -16.28
N VAL B 75 8.24 -13.40 -17.24
CA VAL B 75 8.89 -14.27 -18.23
C VAL B 75 10.04 -13.55 -18.91
N LYS B 76 9.78 -12.33 -19.35
CA LYS B 76 10.78 -11.54 -20.06
C LYS B 76 12.01 -11.29 -19.18
N TYR B 77 11.77 -10.83 -17.95
CA TYR B 77 12.87 -10.59 -17.01
C TYR B 77 13.61 -11.87 -16.66
N ALA B 78 12.92 -12.99 -16.75
CA ALA B 78 13.49 -14.25 -16.35
C ALA B 78 14.40 -14.78 -17.45
N LYS B 79 14.07 -14.49 -18.70
CA LYS B 79 14.88 -14.90 -19.82
C LYS B 79 16.22 -14.16 -19.77
N GLU B 80 16.15 -12.87 -19.46
CA GLU B 80 17.34 -12.07 -19.31
C GLU B 80 18.23 -12.57 -18.18
N GLN B 81 17.66 -13.28 -17.22
CA GLN B 81 18.44 -13.80 -16.10
C GLN B 81 18.93 -15.20 -16.42
N GLY B 82 18.59 -15.66 -17.61
CA GLY B 82 19.10 -16.90 -18.14
C GLY B 82 18.36 -18.13 -17.66
N VAL B 83 17.17 -17.96 -17.11
CA VAL B 83 16.43 -19.13 -16.64
C VAL B 83 15.91 -19.88 -17.84
N LYS B 84 15.62 -21.17 -17.64
CA LYS B 84 15.06 -22.02 -18.68
C LYS B 84 13.63 -22.29 -18.29
N ILE B 85 12.73 -22.27 -19.26
CA ILE B 85 11.35 -22.57 -18.97
C ILE B 85 11.23 -24.07 -18.68
N LEU B 86 10.37 -24.40 -17.74
CA LEU B 86 10.11 -25.79 -17.41
C LEU B 86 8.70 -26.15 -17.85
N GLU B 87 8.49 -27.42 -18.18
CA GLU B 87 7.16 -27.89 -18.52
C GLU B 87 6.27 -27.76 -17.30
N VAL B 88 5.17 -27.03 -17.44
CA VAL B 88 4.22 -26.85 -16.35
C VAL B 88 2.96 -27.67 -16.57
N LYS B 89 2.41 -28.24 -15.50
CA LYS B 89 1.18 -29.00 -15.61
C LYS B 89 0.08 -28.29 -14.86
N ASP B 90 -1.16 -28.71 -15.10
CA ASP B 90 -2.28 -28.24 -14.30
C ASP B 90 -2.28 -26.72 -14.13
N PHE B 91 -1.97 -26.01 -15.20
CA PHE B 91 -2.00 -24.56 -15.14
C PHE B 91 -3.43 -24.06 -14.98
N LYS B 92 -3.56 -22.89 -14.36
CA LYS B 92 -4.83 -22.18 -14.32
C LYS B 92 -4.59 -20.78 -13.80
N GLU B 93 -5.23 -19.79 -14.40
CA GLU B 93 -5.17 -18.45 -13.85
C GLU B 93 -6.19 -18.40 -12.73
N ILE B 94 -5.73 -18.32 -11.49
CA ILE B 94 -6.61 -18.43 -10.32
C ILE B 94 -7.72 -17.38 -10.39
N SER B 95 -7.32 -16.14 -10.52
CA SER B 95 -8.27 -15.06 -10.67
C SER B 95 -7.57 -13.93 -11.41
N GLY B 96 -8.18 -12.75 -11.35
CA GLY B 96 -7.45 -11.54 -11.66
C GLY B 96 -6.63 -11.24 -10.42
N ILE B 97 -5.80 -12.20 -10.03
CA ILE B 97 -4.88 -11.97 -8.93
C ILE B 97 -3.55 -12.71 -9.18
N GLY B 98 -3.59 -13.75 -10.01
CA GLY B 98 -2.38 -14.52 -10.26
C GLY B 98 -2.64 -15.81 -10.99
N VAL B 99 -1.65 -16.69 -10.99
CA VAL B 99 -1.74 -17.97 -11.70
C VAL B 99 -1.19 -19.08 -10.83
N ARG B 100 -1.23 -20.29 -11.36
CA ARG B 100 -0.90 -21.47 -10.58
C ARG B 100 -0.59 -22.63 -11.49
N GLY B 101 0.41 -23.41 -11.10
CA GLY B 101 0.80 -24.58 -11.86
C GLY B 101 1.60 -25.54 -10.99
N LYS B 102 1.94 -26.68 -11.56
CA LYS B 102 2.69 -27.69 -10.85
C LYS B 102 3.90 -28.12 -11.65
N ILE B 103 5.05 -28.16 -11.00
CA ILE B 103 6.29 -28.64 -11.62
C ILE B 103 6.90 -29.64 -10.63
N SER B 104 7.25 -30.83 -11.10
CA SER B 104 7.69 -31.90 -10.19
C SER B 104 6.78 -32.04 -8.97
N ASP B 105 5.47 -32.10 -9.22
CA ASP B 105 4.48 -32.26 -8.16
C ASP B 105 4.50 -31.12 -7.11
N LYS B 106 5.06 -29.97 -7.50
CA LYS B 106 5.16 -28.83 -6.60
C LYS B 106 4.18 -27.75 -7.03
N ILE B 107 3.15 -27.49 -6.24
CA ILE B 107 2.21 -26.44 -6.58
C ILE B 107 2.87 -25.06 -6.42
N ILE B 108 2.83 -24.30 -7.52
CA ILE B 108 3.55 -23.05 -7.61
C ILE B 108 2.55 -21.96 -7.92
N GLU B 109 2.50 -20.92 -7.08
CA GLU B 109 1.59 -19.82 -7.34
C GLU B 109 2.36 -18.52 -7.46
N VAL B 110 1.92 -17.67 -8.38
CA VAL B 110 2.49 -16.35 -8.58
C VAL B 110 1.32 -15.41 -8.60
N LYS B 111 1.20 -14.57 -7.57
CA LYS B 111 0.00 -13.75 -7.43
C LYS B 111 0.23 -12.45 -6.67
N LYS B 112 -0.73 -11.54 -6.78
CA LYS B 112 -0.66 -10.27 -6.07
C LYS B 112 -0.18 -10.52 -4.64
N ALA B 113 0.72 -9.67 -4.18
CA ALA B 113 1.30 -9.87 -2.87
C ALA B 113 0.70 -8.93 -1.85
N GLU B 114 0.63 -9.36 -0.60
CA GLU B 114 0.25 -8.45 0.47
C GLU B 114 1.47 -7.63 0.83
N ASN B 115 1.27 -6.56 1.59
CA ASN B 115 2.38 -5.80 2.11
C ASN B 115 3.10 -5.03 1.01
N ASN B 116 4.43 -5.17 0.97
CA ASN B 116 5.26 -4.24 0.23
C ASN B 116 5.85 -4.77 -1.06
N ASN B 117 5.55 -6.03 -1.37
CA ASN B 117 5.88 -6.54 -2.68
C ASN B 117 4.65 -6.54 -3.56
N ASP B 118 4.86 -6.40 -4.86
CA ASP B 118 3.74 -6.39 -5.78
C ASP B 118 3.30 -7.82 -6.04
N ILE B 119 4.28 -8.71 -6.15
CA ILE B 119 3.99 -10.08 -6.54
C ILE B 119 4.71 -11.09 -5.66
N ALA B 120 4.00 -12.16 -5.26
CA ALA B 120 4.61 -13.18 -4.43
C ALA B 120 4.61 -14.53 -5.12
N VAL B 121 5.62 -15.32 -4.81
CA VAL B 121 5.77 -16.66 -5.35
C VAL B 121 5.66 -17.69 -4.20
N TYR B 122 4.70 -18.60 -4.33
CA TYR B 122 4.56 -19.71 -3.38
C TYR B 122 4.93 -21.05 -4.02
N ILE B 123 5.65 -21.87 -3.25
CA ILE B 123 5.97 -23.23 -3.66
C ILE B 123 5.41 -24.15 -2.58
N ASN B 124 4.27 -24.78 -2.88
CA ASN B 124 3.61 -25.65 -1.89
C ASN B 124 3.11 -24.91 -0.65
N GLY B 125 2.49 -23.75 -0.84
CA GLY B 125 1.89 -23.03 0.27
C GLY B 125 2.76 -21.96 0.91
N GLU B 126 4.08 -22.12 0.85
CA GLU B 126 4.98 -21.19 1.51
C GLU B 126 5.76 -20.25 0.57
N PRO B 127 5.87 -18.97 0.95
CA PRO B 127 6.40 -17.89 0.10
C PRO B 127 7.92 -17.88 0.06
N ILE B 128 8.48 -18.09 -1.12
CA ILE B 128 9.92 -18.15 -1.28
C ILE B 128 10.52 -17.08 -2.20
N ALA B 129 9.68 -16.23 -2.79
CA ALA B 129 10.19 -15.16 -3.67
C ALA B 129 9.20 -14.03 -3.95
N SER B 130 9.72 -12.93 -4.47
CA SER B 130 8.81 -11.85 -4.83
C SER B 130 9.35 -10.91 -5.91
N PHE B 131 8.44 -10.12 -6.49
CA PHE B 131 8.79 -9.16 -7.53
C PHE B 131 8.17 -7.84 -7.17
N ASN B 132 8.88 -6.75 -7.42
CA ASN B 132 8.20 -5.46 -7.56
C ASN B 132 8.20 -5.17 -9.04
N ILE B 133 7.09 -4.63 -9.53
CA ILE B 133 6.97 -4.29 -10.93
C ILE B 133 6.59 -2.83 -10.99
N SER B 134 6.95 -2.17 -12.08
CA SER B 134 6.67 -0.75 -12.18
C SER B 134 5.84 -0.43 -13.40
N ASP B 135 4.81 0.39 -13.16
CA ASP B 135 3.97 0.95 -14.20
C ASP B 135 4.85 1.89 -15.00
N VAL B 136 4.62 1.99 -16.30
CA VAL B 136 5.10 3.17 -17.00
C VAL B 136 3.87 3.96 -17.49
N PRO B 137 3.69 5.17 -16.93
CA PRO B 137 2.55 6.06 -17.25
C PRO B 137 2.67 6.74 -18.63
N ARG B 138 1.60 6.72 -19.40
CA ARG B 138 1.57 7.38 -20.68
C ARG B 138 1.84 8.85 -20.54
N PRO B 139 2.67 9.40 -21.44
CA PRO B 139 3.02 10.81 -21.41
C PRO B 139 1.81 11.66 -21.72
N ASN B 140 1.67 12.80 -21.04
CA ASN B 140 0.56 13.77 -21.23
C ASN B 140 -0.73 13.62 -20.35
N LEU B 141 -0.95 14.63 -19.49
CA LEU B 141 -2.09 14.70 -18.56
C LEU B 141 -2.87 16.01 -18.75
N LYS B 142 -2.29 16.94 -19.49
CA LYS B 142 -2.98 18.18 -19.80
C LYS B 142 -4.32 17.83 -20.43
N ASP B 143 -4.34 16.70 -21.13
CA ASP B 143 -5.55 16.20 -21.77
C ASP B 143 -6.68 16.15 -20.74
N TYR B 144 -6.42 15.50 -19.62
CA TYR B 144 -7.42 15.31 -18.59
C TYR B 144 -7.93 16.59 -17.98
N LEU B 145 -7.01 17.51 -17.70
CA LEU B 145 -7.42 18.77 -17.14
C LEU B 145 -8.35 19.45 -18.15
N GLU B 146 -7.97 19.42 -19.43
CA GLU B 146 -8.83 20.00 -20.44
C GLU B 146 -10.19 19.33 -20.37
N LYS B 147 -10.20 18.05 -20.04
CA LYS B 147 -11.43 17.31 -19.89
C LYS B 147 -12.21 17.73 -18.63
N LEU B 148 -11.52 17.77 -17.50
CA LEU B 148 -12.12 18.15 -16.22
C LEU B 148 -12.79 19.51 -16.43
N LYS B 149 -12.11 20.36 -17.18
CA LYS B 149 -12.65 21.67 -17.48
C LYS B 149 -13.65 21.57 -18.63
N ASN B 150 -13.44 20.58 -19.49
CA ASN B 150 -13.98 20.54 -20.87
C ASN B 150 -15.47 20.71 -20.96
N GLU B 151 -16.16 20.27 -19.91
CA GLU B 151 -17.59 20.37 -19.81
C GLU B 151 -17.76 20.11 -18.35
N GLY B 152 -16.62 20.06 -17.68
CA GLY B 152 -16.66 19.44 -16.39
C GLY B 152 -17.22 18.04 -16.61
N LEU B 153 -16.43 17.20 -17.25
CA LEU B 153 -16.62 15.76 -17.16
C LEU B 153 -16.00 15.32 -15.85
N LYS B 154 -16.64 14.35 -15.18
CA LYS B 154 -16.00 13.71 -14.03
C LYS B 154 -15.08 12.61 -14.53
N ILE B 155 -13.85 12.61 -14.00
CA ILE B 155 -12.87 11.58 -14.32
C ILE B 155 -12.71 10.66 -13.12
N ILE B 156 -12.84 9.35 -13.36
CA ILE B 156 -12.62 8.35 -12.33
C ILE B 156 -11.60 7.33 -12.81
N ILE B 157 -10.78 6.82 -11.89
CA ILE B 157 -9.84 5.76 -12.23
C ILE B 157 -10.17 4.48 -11.48
N LEU B 158 -10.29 3.37 -12.21
CA LEU B 158 -10.54 2.05 -11.61
C LEU B 158 -9.39 1.11 -11.92
N SER B 159 -9.05 0.24 -10.98
CA SER B 159 -7.98 -0.71 -11.21
C SER B 159 -8.00 -1.87 -10.24
N GLY B 160 -7.56 -3.03 -10.70
CA GLY B 160 -7.39 -4.19 -9.85
C GLY B 160 -6.03 -4.16 -9.19
N ASP B 161 -5.26 -3.11 -9.51
CA ASP B 161 -3.92 -2.97 -8.97
C ASP B 161 -3.98 -2.50 -7.52
N LYS B 162 -2.83 -2.49 -6.84
CA LYS B 162 -2.75 -2.15 -5.41
C LYS B 162 -2.93 -0.66 -5.16
N GLU B 163 -3.41 -0.31 -3.98
CA GLU B 163 -3.75 1.07 -3.66
C GLU B 163 -2.60 2.06 -3.82
N ASP B 164 -1.38 1.60 -3.59
CA ASP B 164 -0.23 2.48 -3.65
C ASP B 164 0.05 2.93 -5.08
N LYS B 165 -0.05 2.02 -6.03
CA LYS B 165 0.13 2.38 -7.43
C LYS B 165 -1.00 3.26 -7.95
N VAL B 166 -2.24 2.86 -7.71
CA VAL B 166 -3.36 3.65 -8.19
C VAL B 166 -3.33 5.03 -7.58
N LYS B 167 -2.79 5.13 -6.38
CA LYS B 167 -2.77 6.41 -5.67
C LYS B 167 -1.70 7.30 -6.27
N GLU B 168 -0.50 6.76 -6.41
CA GLU B 168 0.58 7.47 -7.06
C GLU B 168 0.12 8.01 -8.41
N LEU B 169 -0.52 7.16 -9.21
CA LEU B 169 -0.89 7.52 -10.58
C LEU B 169 -1.91 8.67 -10.57
N SER B 170 -2.94 8.52 -9.75
CA SER B 170 -3.94 9.56 -9.63
C SER B 170 -3.28 10.87 -9.25
N LYS B 171 -2.40 10.82 -8.26
CA LYS B 171 -1.72 12.03 -7.83
C LYS B 171 -1.02 12.71 -9.02
N GLU B 172 -0.34 11.92 -9.83
CA GLU B 172 0.46 12.49 -10.91
C GLU B 172 -0.41 13.03 -12.03
N LEU B 173 -1.62 12.50 -12.16
CA LEU B 173 -2.54 12.95 -13.20
C LEU B 173 -3.51 13.96 -12.63
N ASN B 174 -3.45 14.13 -11.32
CA ASN B 174 -4.34 15.03 -10.63
C ASN B 174 -5.79 14.58 -10.73
N ILE B 175 -6.02 13.33 -10.36
CA ILE B 175 -7.38 12.79 -10.39
C ILE B 175 -7.82 12.42 -9.00
N GLN B 176 -8.82 13.15 -8.50
CA GLN B 176 -9.29 12.96 -7.13
C GLN B 176 -9.88 11.58 -6.86
N GLU B 177 -10.81 11.14 -7.71
CA GLU B 177 -11.52 9.89 -7.43
C GLU B 177 -10.92 8.67 -8.13
N TYR B 178 -10.49 7.69 -7.34
CA TYR B 178 -9.92 6.46 -7.87
C TYR B 178 -10.25 5.32 -6.91
N TYR B 179 -10.36 4.10 -7.43
CA TYR B 179 -10.55 2.91 -6.60
C TYR B 179 -9.54 1.84 -6.99
N SER B 180 -8.82 1.30 -6.00
CA SER B 180 -7.82 0.27 -6.24
C SER B 180 -8.30 -1.11 -5.76
N ASN B 181 -7.54 -2.14 -6.08
CA ASN B 181 -7.87 -3.52 -5.68
C ASN B 181 -9.25 -4.06 -6.10
N LEU B 182 -9.73 -3.62 -7.26
CA LEU B 182 -11.06 -4.01 -7.72
C LEU B 182 -11.05 -5.28 -8.55
N SER B 183 -12.16 -6.00 -8.52
CA SER B 183 -12.34 -7.19 -9.32
C SER B 183 -13.24 -6.76 -10.45
N PRO B 184 -13.34 -7.58 -11.50
CA PRO B 184 -14.30 -7.25 -12.57
C PRO B 184 -15.69 -6.93 -12.01
N GLU B 185 -16.13 -7.68 -11.00
CA GLU B 185 -17.48 -7.52 -10.51
C GLU B 185 -17.62 -6.18 -9.81
N ASP B 186 -16.56 -5.76 -9.12
CA ASP B 186 -16.58 -4.46 -8.46
C ASP B 186 -16.69 -3.35 -9.50
N LYS B 187 -16.03 -3.53 -10.63
CA LYS B 187 -16.10 -2.55 -11.70
C LYS B 187 -17.51 -2.47 -12.30
N VAL B 188 -18.10 -3.61 -12.58
CA VAL B 188 -19.48 -3.65 -13.05
C VAL B 188 -20.37 -2.80 -12.12
N ARG B 189 -20.28 -3.07 -10.81
CA ARG B 189 -21.16 -2.47 -9.82
C ARG B 189 -20.99 -0.97 -9.75
N ILE B 190 -19.75 -0.52 -9.68
CA ILE B 190 -19.46 0.90 -9.69
C ILE B 190 -20.09 1.59 -10.91
N ILE B 191 -20.06 0.92 -12.06
CA ILE B 191 -20.62 1.50 -13.27
C ILE B 191 -22.14 1.48 -13.23
N GLU B 192 -22.71 0.35 -12.85
CA GLU B 192 -24.14 0.20 -12.62
C GLU B 192 -24.66 1.37 -11.79
N LYS B 193 -23.99 1.66 -10.69
CA LYS B 193 -24.47 2.67 -9.76
C LYS B 193 -24.47 4.02 -10.44
N LEU B 194 -23.34 4.35 -11.07
CA LEU B 194 -23.24 5.60 -11.80
C LEU B 194 -24.35 5.75 -12.83
N LYS B 195 -24.67 4.66 -13.52
CA LYS B 195 -25.76 4.65 -14.50
C LYS B 195 -27.15 4.76 -13.88
N GLN B 196 -27.41 4.05 -12.78
CA GLN B 196 -28.70 4.15 -12.10
C GLN B 196 -28.88 5.60 -11.66
N ASN B 197 -27.76 6.30 -11.59
CA ASN B 197 -27.70 7.68 -11.14
C ASN B 197 -27.98 8.72 -12.24
N GLY B 198 -28.17 8.26 -13.47
CA GLY B 198 -28.40 9.17 -14.58
C GLY B 198 -27.11 9.62 -15.23
N ASN B 199 -25.99 9.20 -14.67
CA ASN B 199 -24.70 9.48 -15.27
C ASN B 199 -24.55 8.78 -16.60
N LYS B 200 -23.85 9.43 -17.53
CA LYS B 200 -23.54 8.85 -18.83
C LYS B 200 -22.06 8.48 -18.89
N VAL B 201 -21.77 7.19 -18.97
CA VAL B 201 -20.41 6.76 -18.75
C VAL B 201 -19.68 6.28 -19.99
N LEU B 202 -18.55 6.91 -20.24
CA LEU B 202 -17.57 6.43 -21.22
C LEU B 202 -16.41 5.77 -20.48
N MET B 203 -16.11 4.53 -20.84
CA MET B 203 -15.04 3.81 -20.20
C MET B 203 -14.01 3.33 -21.19
N ILE B 204 -12.74 3.54 -20.84
CA ILE B 204 -11.63 3.00 -21.61
C ILE B 204 -10.95 1.87 -20.85
N GLY B 205 -10.82 0.73 -21.51
CA GLY B 205 -10.14 -0.40 -20.92
C GLY B 205 -9.24 -1.17 -21.87
N ASP B 206 -8.71 -2.28 -21.36
CA ASP B 206 -7.66 -3.01 -22.04
C ASP B 206 -7.68 -4.51 -21.71
N GLY B 207 -7.38 -4.85 -20.46
CA GLY B 207 -7.19 -6.24 -20.08
C GLY B 207 -8.46 -7.07 -19.95
N VAL B 208 -8.29 -8.35 -19.61
CA VAL B 208 -9.42 -9.26 -19.46
C VAL B 208 -10.35 -8.78 -18.36
N ASN B 209 -9.78 -8.09 -17.37
CA ASN B 209 -10.56 -7.68 -16.24
C ASN B 209 -11.28 -6.32 -16.43
N ASP B 210 -11.50 -5.96 -17.69
CA ASP B 210 -12.22 -4.73 -18.04
C ASP B 210 -13.44 -5.04 -18.90
N ALA B 211 -13.48 -6.26 -19.44
CA ALA B 211 -14.43 -6.58 -20.50
C ALA B 211 -15.88 -6.39 -20.07
N ALA B 212 -16.21 -6.93 -18.90
CA ALA B 212 -17.54 -6.90 -18.34
C ALA B 212 -17.97 -5.45 -18.12
N ALA B 213 -17.10 -4.67 -17.50
CA ALA B 213 -17.38 -3.27 -17.27
C ALA B 213 -17.56 -2.50 -18.56
N LEU B 214 -16.79 -2.84 -19.60
CA LEU B 214 -16.88 -2.14 -20.87
C LEU B 214 -18.22 -2.44 -21.49
N ALA B 215 -18.65 -3.69 -21.36
CA ALA B 215 -19.96 -4.12 -21.86
C ALA B 215 -21.08 -3.24 -21.30
N LEU B 216 -20.88 -2.75 -20.07
CA LEU B 216 -21.92 -2.02 -19.36
C LEU B 216 -21.90 -0.51 -19.61
N ALA B 217 -20.74 0.02 -19.98
CA ALA B 217 -20.61 1.45 -20.17
C ALA B 217 -21.47 1.96 -21.33
N ASP B 218 -21.89 3.21 -21.25
CA ASP B 218 -22.67 3.84 -22.32
C ASP B 218 -21.86 3.94 -23.61
N VAL B 219 -20.58 4.28 -23.49
CA VAL B 219 -19.66 4.20 -24.61
C VAL B 219 -18.38 3.50 -24.15
N SER B 220 -17.99 2.43 -24.83
CA SER B 220 -16.84 1.67 -24.41
C SER B 220 -15.70 1.79 -25.42
N VAL B 221 -14.50 2.00 -24.90
CA VAL B 221 -13.32 2.10 -25.71
C VAL B 221 -12.27 1.09 -25.26
N ALA B 222 -11.81 0.25 -26.16
CA ALA B 222 -10.67 -0.65 -25.87
C ALA B 222 -9.39 -0.17 -26.55
N MET B 223 -8.27 -0.24 -25.85
CA MET B 223 -6.98 0.13 -26.41
C MET B 223 -6.57 -0.87 -27.46
N GLY B 224 -5.93 -0.41 -28.53
CA GLY B 224 -5.38 -1.29 -29.55
C GLY B 224 -4.52 -2.41 -28.99
N ASN B 225 -3.76 -2.15 -27.92
CA ASN B 225 -2.89 -3.18 -27.34
C ASN B 225 -3.60 -4.04 -26.31
N GLY B 226 -4.92 -3.92 -26.26
CA GLY B 226 -5.69 -4.69 -25.32
C GLY B 226 -5.94 -6.09 -25.82
N VAL B 227 -6.79 -6.81 -25.11
CA VAL B 227 -7.07 -8.20 -25.40
C VAL B 227 -8.40 -8.37 -26.15
N ASP B 228 -8.49 -9.45 -26.92
CA ASP B 228 -9.55 -9.56 -27.90
C ASP B 228 -10.96 -9.51 -27.29
N ILE B 229 -11.15 -10.04 -26.10
CA ILE B 229 -12.48 -10.00 -25.51
C ILE B 229 -12.86 -8.53 -25.23
N SER B 230 -11.88 -7.70 -24.88
CA SER B 230 -12.17 -6.31 -24.64
C SER B 230 -12.37 -5.55 -25.97
N LYS B 231 -11.43 -5.72 -26.87
CA LYS B 231 -11.60 -5.19 -28.20
C LYS B 231 -12.94 -5.65 -28.78
N ASN B 232 -13.31 -6.90 -28.56
CA ASN B 232 -14.54 -7.42 -29.14
C ASN B 232 -15.79 -6.76 -28.61
N VAL B 233 -15.77 -6.37 -27.33
CA VAL B 233 -17.01 -5.82 -26.76
C VAL B 233 -17.14 -4.31 -26.88
N ALA B 234 -16.01 -3.63 -27.02
CA ALA B 234 -16.00 -2.17 -27.04
C ALA B 234 -16.64 -1.60 -28.29
N ASP B 235 -17.26 -0.42 -28.17
CA ASP B 235 -17.84 0.33 -29.28
C ASP B 235 -16.74 0.91 -30.16
N ILE B 236 -15.60 1.19 -29.55
CA ILE B 236 -14.49 1.85 -30.23
C ILE B 236 -13.17 1.14 -29.89
N ILE B 237 -12.30 1.03 -30.87
CA ILE B 237 -10.98 0.48 -30.66
C ILE B 237 -9.96 1.55 -30.98
N LEU B 238 -9.13 1.92 -30.00
CA LEU B 238 -8.05 2.88 -30.19
C LEU B 238 -6.86 2.14 -30.75
N VAL B 239 -6.87 1.85 -32.03
CA VAL B 239 -5.77 1.03 -32.54
C VAL B 239 -4.43 1.81 -32.48
N SER B 240 -4.52 3.13 -32.50
CA SER B 240 -3.35 3.97 -32.30
C SER B 240 -2.83 3.94 -30.87
N ASN B 241 -3.63 3.40 -29.94
CA ASN B 241 -3.31 3.46 -28.53
C ASN B 241 -3.11 4.89 -28.07
N ASP B 242 -3.58 5.83 -28.89
CA ASP B 242 -3.35 7.25 -28.62
C ASP B 242 -4.56 7.83 -27.94
N ILE B 243 -4.49 7.97 -26.62
CA ILE B 243 -5.62 8.49 -25.86
C ILE B 243 -5.94 9.97 -26.14
N GLY B 244 -4.91 10.75 -26.49
CA GLY B 244 -5.08 12.15 -26.88
C GLY B 244 -6.13 12.27 -27.97
N THR B 245 -6.03 11.40 -28.98
CA THR B 245 -6.97 11.42 -30.10
C THR B 245 -8.36 11.20 -29.56
N LEU B 246 -8.49 10.20 -28.70
CA LEU B 246 -9.79 9.92 -28.09
C LEU B 246 -10.31 11.11 -27.29
N LEU B 247 -9.47 11.65 -26.42
CA LEU B 247 -9.85 12.79 -25.61
C LEU B 247 -10.14 14.00 -26.49
N GLY B 248 -9.34 14.16 -27.54
CA GLY B 248 -9.68 15.10 -28.58
C GLY B 248 -11.12 14.86 -29.01
N LEU B 249 -11.42 13.66 -29.47
CA LEU B 249 -12.75 13.36 -29.97
C LEU B 249 -13.83 13.74 -28.96
N ILE B 250 -13.54 13.52 -27.68
CA ILE B 250 -14.51 13.79 -26.63
C ILE B 250 -14.74 15.29 -26.47
N LYS B 251 -13.70 16.07 -26.79
CA LYS B 251 -13.77 17.52 -26.74
C LYS B 251 -14.76 18.05 -27.77
N ASN B 252 -15.05 17.24 -28.79
CA ASN B 252 -16.07 17.58 -29.77
C ASN B 252 -17.27 16.64 -29.70
N ARG B 253 -18.32 16.99 -30.42
CA ARG B 253 -19.59 16.28 -30.31
C ARG B 253 -20.12 16.44 -28.88
#